data_2FBO
#
_entry.id   2FBO
#
_cell.length_a   109.597
_cell.length_b   109.597
_cell.length_c   48.845
_cell.angle_alpha   90.00
_cell.angle_beta   90.00
_cell.angle_gamma   120.00
#
_symmetry.space_group_name_H-M   'P 61'
#
loop_
_entity.id
_entity.type
_entity.pdbx_description
1 polymer 'variable region-containing chitin-binding protein 3'
2 water water
#
_entity_poly.entity_id   1
_entity_poly.type   'polypeptide(L)'
_entity_poly.pdbx_seq_one_letter_code
;SIMTVRTTHTEVEVHAGGTVELPCSYQLANDTQPPVISWLKGASPDRSTKVFKGNYNWQGEGLGFVESDSYKESFGDFLG
RASVANLAAPTLRLTHVHPQDGGRYWCQVAQWSIRTEFGLDAKSVVLKVTGHTPSNNVHVSTAEVVQVDEGNDITMTCPC
TDCANANVTWYTGPTFFENYETGTYQPLANKNQFGITWFSSEIAGRASFSGARNLVIRAAKITDAGRVWCELATGQGELD
ADRSSTILKV
;
_entity_poly.pdbx_strand_id   J
#
# COMPACT_ATOMS: atom_id res chain seq x y z
N SER A 1 -10.28 15.25 0.74
CA SER A 1 -9.67 14.37 1.78
C SER A 1 -8.83 13.29 1.13
N ILE A 2 -7.52 13.41 1.24
CA ILE A 2 -6.61 12.42 0.65
C ILE A 2 -5.85 11.66 1.73
N MET A 3 -5.76 10.35 1.56
CA MET A 3 -5.06 9.48 2.50
C MET A 3 -3.65 9.19 2.02
N THR A 4 -2.68 9.37 2.91
CA THR A 4 -1.29 9.08 2.58
C THR A 4 -0.63 8.31 3.72
N VAL A 5 -0.11 7.14 3.39
CA VAL A 5 0.55 6.29 4.37
C VAL A 5 2.06 6.33 4.18
N ARG A 6 2.79 6.41 5.29
CA ARG A 6 4.24 6.45 5.23
C ARG A 6 4.87 5.39 6.13
N THR A 7 6.04 4.91 5.71
CA THR A 7 6.78 3.91 6.46
C THR A 7 8.22 4.38 6.56
N THR A 8 8.78 4.27 7.76
CA THR A 8 10.16 4.70 8.00
C THR A 8 11.16 3.61 7.64
N HIS A 9 10.74 2.35 7.78
CA HIS A 9 11.61 1.21 7.48
C HIS A 9 11.04 0.36 6.37
N THR A 10 11.91 -0.10 5.48
CA THR A 10 11.52 -0.95 4.38
C THR A 10 11.61 -2.40 4.84
N GLU A 11 12.45 -2.62 5.85
CA GLU A 11 12.68 -3.95 6.40
C GLU A 11 13.07 -3.87 7.87
N VAL A 12 12.58 -4.81 8.67
CA VAL A 12 12.89 -4.86 10.09
C VAL A 12 13.23 -6.31 10.42
N GLU A 13 14.37 -6.52 11.07
CA GLU A 13 14.81 -7.88 11.41
C GLU A 13 14.55 -8.20 12.88
N VAL A 14 14.33 -9.48 13.17
CA VAL A 14 14.07 -9.92 14.54
C VAL A 14 14.39 -11.40 14.72
N HIS A 15 14.99 -11.75 15.86
CA HIS A 15 15.32 -13.14 16.13
C HIS A 15 14.03 -13.90 16.45
N ALA A 16 13.97 -15.16 16.07
CA ALA A 16 12.80 -15.97 16.34
C ALA A 16 12.58 -15.97 17.85
N GLY A 17 11.31 -15.91 18.26
CA GLY A 17 11.00 -15.89 19.68
C GLY A 17 10.95 -14.48 20.24
N GLY A 18 11.54 -13.53 19.51
CA GLY A 18 11.54 -12.16 19.97
C GLY A 18 10.29 -11.37 19.58
N THR A 19 10.32 -10.07 19.80
CA THR A 19 9.21 -9.18 19.46
C THR A 19 9.72 -8.13 18.47
N VAL A 20 8.88 -7.76 17.51
CA VAL A 20 9.28 -6.79 16.50
C VAL A 20 8.21 -5.73 16.28
N GLU A 21 8.64 -4.56 15.80
CA GLU A 21 7.71 -3.49 15.51
C GLU A 21 7.91 -3.00 14.08
N LEU A 22 6.82 -2.95 13.32
CA LEU A 22 6.84 -2.49 11.93
C LEU A 22 6.20 -1.12 11.93
N PRO A 23 7.01 -0.07 11.76
CA PRO A 23 6.54 1.32 11.75
C PRO A 23 5.55 1.67 10.65
N CYS A 24 4.61 2.57 11.00
CA CYS A 24 3.61 3.05 10.06
C CYS A 24 3.02 4.35 10.59
N SER A 25 2.78 5.29 9.69
CA SER A 25 2.18 6.57 10.03
C SER A 25 1.28 6.91 8.86
N TYR A 26 0.35 7.84 9.06
CA TYR A 26 -0.52 8.25 7.97
C TYR A 26 -1.01 9.68 8.15
N GLN A 27 -1.51 10.24 7.05
CA GLN A 27 -2.03 11.60 7.06
C GLN A 27 -3.36 11.59 6.32
N LEU A 28 -4.37 12.20 6.92
CA LEU A 28 -5.69 12.28 6.32
C LEU A 28 -6.28 13.63 6.71
N ALA A 29 -6.60 14.45 5.71
CA ALA A 29 -7.15 15.77 5.98
C ALA A 29 -8.63 15.87 5.61
N ASN A 30 -9.26 16.95 6.06
CA ASN A 30 -10.66 17.19 5.76
C ASN A 30 -11.62 16.09 6.15
N ASP A 31 -11.23 15.27 7.14
CA ASP A 31 -12.09 14.17 7.58
C ASP A 31 -11.82 13.85 9.05
N THR A 32 -12.87 13.95 9.86
CA THR A 32 -12.77 13.68 11.28
C THR A 32 -13.33 12.32 11.69
N GLN A 33 -13.78 11.53 10.71
CA GLN A 33 -14.29 10.20 11.00
C GLN A 33 -13.08 9.28 11.12
N PRO A 34 -13.10 8.36 12.10
CA PRO A 34 -12.01 7.39 12.35
C PRO A 34 -11.76 6.45 11.19
N PRO A 35 -10.53 6.46 10.63
CA PRO A 35 -10.28 5.54 9.52
C PRO A 35 -10.06 4.13 10.06
N VAL A 36 -10.07 3.15 9.17
CA VAL A 36 -9.85 1.77 9.58
C VAL A 36 -8.40 1.37 9.27
N ILE A 37 -7.68 0.94 10.29
CA ILE A 37 -6.29 0.51 10.14
C ILE A 37 -6.30 -0.98 9.89
N SER A 38 -5.61 -1.42 8.84
CA SER A 38 -5.52 -2.84 8.53
C SER A 38 -4.09 -3.26 8.27
N TRP A 39 -3.63 -4.30 8.96
CA TRP A 39 -2.29 -4.85 8.71
C TRP A 39 -2.58 -6.18 8.02
N LEU A 40 -2.04 -6.33 6.81
CA LEU A 40 -2.27 -7.52 6.00
C LEU A 40 -0.96 -8.15 5.56
N LYS A 41 -0.89 -9.47 5.53
CA LYS A 41 0.33 -10.16 5.12
C LYS A 41 0.18 -10.80 3.74
N GLY A 42 1.05 -10.41 2.81
CA GLY A 42 0.96 -10.97 1.48
C GLY A 42 1.69 -10.14 0.42
N ALA A 43 1.53 -10.54 -0.83
CA ALA A 43 2.18 -9.86 -1.96
C ALA A 43 1.60 -8.48 -2.23
N SER A 44 0.33 -8.30 -1.89
CA SER A 44 -0.35 -7.02 -2.07
C SER A 44 -1.53 -6.93 -1.10
N PRO A 45 -2.02 -5.72 -0.83
CA PRO A 45 -3.15 -5.60 0.08
C PRO A 45 -4.33 -6.49 -0.28
N ASP A 46 -4.66 -6.55 -1.58
CA ASP A 46 -5.80 -7.34 -2.05
C ASP A 46 -5.57 -8.86 -2.10
N ARG A 47 -4.32 -9.30 -1.94
CA ARG A 47 -4.00 -10.72 -1.94
C ARG A 47 -3.20 -11.03 -0.68
N SER A 48 -3.87 -10.94 0.45
CA SER A 48 -3.21 -11.15 1.73
C SER A 48 -4.12 -11.82 2.75
N THR A 49 -3.58 -12.05 3.95
CA THR A 49 -4.37 -12.62 5.03
C THR A 49 -4.34 -11.55 6.12
N LYS A 50 -5.41 -11.46 6.89
CA LYS A 50 -5.50 -10.45 7.94
C LYS A 50 -4.57 -10.70 9.12
N VAL A 51 -3.94 -9.64 9.57
CA VAL A 51 -3.06 -9.71 10.73
C VAL A 51 -3.75 -8.98 11.88
N PHE A 52 -4.16 -7.74 11.58
CA PHE A 52 -4.79 -6.86 12.56
C PHE A 52 -5.71 -5.87 11.86
N LYS A 53 -6.76 -5.44 12.57
CA LYS A 53 -7.68 -4.43 12.08
C LYS A 53 -8.15 -3.62 13.28
N GLY A 54 -8.30 -2.32 13.11
CA GLY A 54 -8.76 -1.49 14.20
C GLY A 54 -9.19 -0.11 13.78
N ASN A 55 -9.91 0.57 14.67
CA ASN A 55 -10.37 1.93 14.40
C ASN A 55 -10.85 2.58 15.69
N TYR A 56 -10.65 3.90 15.77
CA TYR A 56 -11.13 4.64 16.93
C TYR A 56 -12.63 4.75 16.74
N ASN A 57 -13.30 5.20 17.78
CA ASN A 57 -14.72 5.41 17.68
C ASN A 57 -14.97 6.89 17.77
N TRP A 58 -15.80 7.39 16.87
CA TRP A 58 -16.13 8.80 16.82
C TRP A 58 -16.66 9.22 18.18
N GLN A 59 -16.05 10.25 18.76
CA GLN A 59 -16.46 10.76 20.05
C GLN A 59 -17.53 11.84 19.90
N GLY A 60 -17.23 12.81 19.04
CA GLY A 60 -18.16 13.90 18.81
C GLY A 60 -17.44 15.11 18.26
N GLU A 61 -18.20 16.10 17.81
CA GLU A 61 -17.61 17.32 17.28
C GLU A 61 -16.65 17.95 18.25
N GLY A 62 -15.40 18.12 17.83
CA GLY A 62 -14.39 18.73 18.69
C GLY A 62 -13.76 17.73 19.64
N LEU A 63 -14.42 16.61 19.87
CA LEU A 63 -13.90 15.60 20.77
C LEU A 63 -12.93 14.66 20.06
N GLY A 64 -11.67 14.70 20.50
CA GLY A 64 -10.66 13.85 19.89
C GLY A 64 -10.92 12.38 20.17
N PHE A 65 -10.21 11.52 19.46
CA PHE A 65 -10.34 10.07 19.63
C PHE A 65 -9.68 9.65 20.93
N VAL A 66 -10.15 8.55 21.52
CA VAL A 66 -9.59 8.02 22.75
C VAL A 66 -9.23 6.55 22.54
N GLU A 67 -7.95 6.23 22.72
CA GLU A 67 -7.46 4.87 22.52
C GLU A 67 -8.31 3.81 23.21
N SER A 68 -8.88 4.17 24.35
CA SER A 68 -9.71 3.25 25.12
C SER A 68 -11.04 2.93 24.45
N ASP A 69 -11.58 3.87 23.68
CA ASP A 69 -12.84 3.63 22.97
C ASP A 69 -12.45 3.35 21.53
N SER A 70 -12.17 2.09 21.24
CA SER A 70 -11.75 1.69 19.91
C SER A 70 -11.95 0.21 19.69
N TYR A 71 -11.93 -0.18 18.41
CA TYR A 71 -12.04 -1.58 18.02
C TYR A 71 -10.62 -1.99 17.62
N LYS A 72 -10.16 -3.13 18.13
CA LYS A 72 -8.83 -3.63 17.80
C LYS A 72 -8.91 -5.14 17.82
N GLU A 73 -8.48 -5.79 16.75
CA GLU A 73 -8.54 -7.24 16.71
C GLU A 73 -7.41 -7.86 15.90
N SER A 74 -6.84 -8.95 16.43
CA SER A 74 -5.78 -9.67 15.73
C SER A 74 -6.43 -10.95 15.17
N PHE A 75 -5.91 -11.46 14.07
CA PHE A 75 -6.51 -12.62 13.42
C PHE A 75 -5.64 -13.84 13.13
N GLY A 76 -6.31 -14.97 12.98
CA GLY A 76 -5.64 -16.23 12.64
C GLY A 76 -4.37 -16.57 13.38
N ASP A 77 -3.32 -16.91 12.64
CA ASP A 77 -2.04 -17.27 13.23
C ASP A 77 -1.40 -16.13 14.03
N PHE A 78 -1.98 -14.93 13.95
CA PHE A 78 -1.42 -13.78 14.67
C PHE A 78 -2.28 -13.37 15.86
N LEU A 79 -3.36 -14.11 16.08
CA LEU A 79 -4.27 -13.80 17.17
C LEU A 79 -3.55 -13.90 18.49
N GLY A 80 -3.61 -12.83 19.29
CA GLY A 80 -2.95 -12.82 20.57
C GLY A 80 -1.49 -12.38 20.55
N ARG A 81 -0.94 -12.21 19.36
CA ARG A 81 0.46 -11.77 19.22
C ARG A 81 0.60 -10.44 18.49
N ALA A 82 -0.43 -10.03 17.74
CA ALA A 82 -0.36 -8.78 17.00
C ALA A 82 -1.19 -7.69 17.67
N SER A 83 -0.64 -6.47 17.71
CA SER A 83 -1.34 -5.35 18.32
C SER A 83 -0.83 -4.01 17.81
N VAL A 84 -1.66 -2.99 17.93
CA VAL A 84 -1.32 -1.63 17.56
C VAL A 84 -1.67 -0.78 18.77
N ALA A 85 -0.65 -0.23 19.43
CA ALA A 85 -0.86 0.58 20.63
C ALA A 85 -1.46 1.98 20.39
N ASN A 86 -1.22 2.55 19.22
CA ASN A 86 -1.72 3.88 18.89
C ASN A 86 -2.26 3.88 17.47
N LEU A 87 -3.58 3.80 17.32
CA LEU A 87 -4.21 3.77 16.01
C LEU A 87 -3.94 5.01 15.15
N ALA A 88 -3.57 6.12 15.78
CA ALA A 88 -3.26 7.36 15.06
C ALA A 88 -1.87 7.32 14.43
N ALA A 89 -1.03 6.39 14.90
CA ALA A 89 0.34 6.18 14.40
C ALA A 89 0.47 4.65 14.54
N PRO A 90 -0.35 3.93 13.77
CA PRO A 90 -0.51 2.47 13.67
C PRO A 90 0.66 1.51 13.52
N THR A 91 1.79 1.80 14.14
CA THR A 91 2.92 0.88 14.09
C THR A 91 2.46 -0.45 14.69
N LEU A 92 2.83 -1.55 14.06
CA LEU A 92 2.44 -2.88 14.50
C LEU A 92 3.48 -3.57 15.37
N ARG A 93 3.02 -4.20 16.44
CA ARG A 93 3.91 -4.97 17.31
C ARG A 93 3.52 -6.44 17.19
N LEU A 94 4.49 -7.30 16.90
CA LEU A 94 4.21 -8.73 16.80
C LEU A 94 5.15 -9.43 17.77
N THR A 95 4.57 -10.14 18.73
CA THR A 95 5.33 -10.83 19.75
C THR A 95 5.57 -12.30 19.45
N HIS A 96 6.51 -12.90 20.17
CA HIS A 96 6.82 -14.32 20.01
C HIS A 96 6.94 -14.74 18.54
N VAL A 97 7.72 -13.97 17.80
CA VAL A 97 7.93 -14.20 16.38
C VAL A 97 8.38 -15.62 16.03
N HIS A 98 7.73 -16.19 15.02
CA HIS A 98 8.03 -17.52 14.53
C HIS A 98 8.59 -17.36 13.12
N PRO A 99 9.34 -18.37 12.63
CA PRO A 99 9.91 -18.31 11.28
C PRO A 99 8.86 -18.00 10.21
N GLN A 100 7.68 -18.61 10.37
CA GLN A 100 6.58 -18.40 9.44
C GLN A 100 6.04 -16.98 9.43
N ASP A 101 6.44 -16.17 10.39
CA ASP A 101 6.00 -14.77 10.44
C ASP A 101 6.78 -13.94 9.44
N GLY A 102 7.89 -14.49 8.94
CA GLY A 102 8.69 -13.76 7.98
C GLY A 102 7.85 -13.54 6.73
N GLY A 103 7.99 -12.36 6.11
CA GLY A 103 7.23 -12.10 4.90
C GLY A 103 6.97 -10.62 4.71
N ARG A 104 5.98 -10.30 3.88
CA ARG A 104 5.65 -8.92 3.58
C ARG A 104 4.35 -8.49 4.26
N TYR A 105 4.43 -7.40 5.03
CA TYR A 105 3.28 -6.87 5.76
C TYR A 105 2.85 -5.51 5.25
N TRP A 106 1.54 -5.36 5.07
CA TRP A 106 0.98 -4.11 4.59
C TRP A 106 0.27 -3.28 5.64
N CYS A 107 0.64 -2.01 5.73
CA CYS A 107 -0.05 -1.11 6.63
C CYS A 107 -1.02 -0.36 5.74
N GLN A 108 -2.31 -0.67 5.87
CA GLN A 108 -3.32 -0.02 5.07
C GLN A 108 -4.22 0.81 5.97
N VAL A 109 -4.49 2.04 5.55
CA VAL A 109 -5.38 2.91 6.32
C VAL A 109 -6.42 3.45 5.34
N ALA A 110 -7.69 3.22 5.64
CA ALA A 110 -8.75 3.66 4.76
C ALA A 110 -9.88 4.38 5.48
N GLN A 111 -10.37 5.45 4.87
CA GLN A 111 -11.47 6.22 5.44
C GLN A 111 -12.61 5.29 5.82
N TRP A 112 -13.36 5.69 6.83
CA TRP A 112 -14.51 4.92 7.28
C TRP A 112 -15.54 5.00 6.15
N SER A 113 -16.13 3.86 5.80
CA SER A 113 -17.11 3.80 4.71
C SER A 113 -16.44 4.30 3.45
N ILE A 114 -15.18 3.91 3.26
CA ILE A 114 -14.39 4.33 2.10
C ILE A 114 -15.19 4.20 0.80
N ARG A 115 -15.19 5.24 0.00
CA ARG A 115 -15.92 5.23 -1.25
C ARG A 115 -15.11 5.78 -2.40
N THR A 116 -13.90 6.23 -2.11
CA THR A 116 -13.04 6.79 -3.14
C THR A 116 -11.60 6.31 -2.99
N GLU A 117 -10.93 6.12 -4.12
CA GLU A 117 -9.54 5.67 -4.11
C GLU A 117 -8.70 6.69 -3.38
N PHE A 118 -9.21 7.92 -3.24
CA PHE A 118 -8.48 8.97 -2.55
C PHE A 118 -8.40 8.75 -1.05
N GLY A 119 -9.31 7.95 -0.51
CA GLY A 119 -9.33 7.71 0.93
C GLY A 119 -8.55 6.54 1.47
N LEU A 120 -7.84 5.82 0.60
CA LEU A 120 -7.05 4.67 1.04
C LEU A 120 -5.62 4.68 0.51
N ASP A 121 -4.68 4.30 1.37
CA ASP A 121 -3.29 4.17 0.97
C ASP A 121 -2.71 3.01 1.75
N ALA A 122 -1.61 2.46 1.24
CA ALA A 122 -0.97 1.33 1.89
C ALA A 122 0.47 1.21 1.42
N LYS A 123 1.33 0.76 2.32
CA LYS A 123 2.73 0.54 2.02
C LYS A 123 3.13 -0.71 2.77
N SER A 124 4.16 -1.40 2.27
CA SER A 124 4.60 -2.63 2.89
C SER A 124 5.94 -2.53 3.63
N VAL A 125 6.11 -3.45 4.57
CA VAL A 125 7.33 -3.53 5.37
C VAL A 125 7.68 -5.01 5.43
N VAL A 126 8.94 -5.35 5.14
CA VAL A 126 9.35 -6.75 5.20
C VAL A 126 9.79 -7.12 6.60
N LEU A 127 9.23 -8.21 7.11
CA LEU A 127 9.59 -8.70 8.43
C LEU A 127 10.57 -9.85 8.18
N LYS A 128 11.81 -9.63 8.58
CA LYS A 128 12.88 -10.61 8.39
C LYS A 128 13.20 -11.32 9.70
N VAL A 129 13.03 -12.63 9.71
CA VAL A 129 13.32 -13.40 10.90
C VAL A 129 14.74 -13.90 10.73
N THR A 130 15.64 -13.39 11.57
CA THR A 130 17.05 -13.74 11.51
C THR A 130 17.28 -15.23 11.22
N GLY A 131 18.03 -15.50 10.16
CA GLY A 131 18.34 -16.88 9.80
C GLY A 131 17.30 -17.65 9.01
N HIS A 132 16.17 -17.03 8.69
CA HIS A 132 15.12 -17.73 7.95
C HIS A 132 14.61 -16.98 6.72
N THR A 133 14.44 -15.67 6.87
CA THR A 133 13.93 -14.84 5.78
C THR A 133 15.02 -14.23 4.89
N PRO A 134 14.89 -14.41 3.57
CA PRO A 134 15.88 -13.86 2.62
C PRO A 134 15.88 -12.34 2.73
N SER A 135 17.00 -11.71 2.40
CA SER A 135 17.05 -10.26 2.47
C SER A 135 17.14 -9.70 1.05
N ASN A 136 17.20 -8.37 0.95
CA ASN A 136 17.30 -7.69 -0.35
C ASN A 136 16.09 -7.96 -1.25
N ASN A 137 14.90 -7.82 -0.68
CA ASN A 137 13.67 -8.04 -1.42
C ASN A 137 13.24 -6.73 -2.09
N VAL A 138 12.52 -6.84 -3.21
CA VAL A 138 12.08 -5.65 -3.92
C VAL A 138 11.39 -4.64 -3.03
N HIS A 139 11.65 -3.35 -3.29
CA HIS A 139 11.06 -2.26 -2.55
C HIS A 139 10.73 -1.12 -3.52
N VAL A 140 9.49 -0.63 -3.47
CA VAL A 140 9.03 0.45 -4.33
C VAL A 140 8.62 1.65 -3.47
N SER A 141 8.97 2.85 -3.90
CA SER A 141 8.62 4.04 -3.14
C SER A 141 8.39 5.21 -4.08
N THR A 142 7.12 5.43 -4.43
CA THR A 142 6.72 6.48 -5.37
C THR A 142 6.39 7.82 -4.70
N ALA A 143 6.23 8.85 -5.52
CA ALA A 143 5.88 10.17 -5.03
C ALA A 143 4.47 10.09 -4.49
N GLU A 144 4.20 10.83 -3.42
CA GLU A 144 2.88 10.82 -2.80
C GLU A 144 1.83 11.53 -3.66
N VAL A 145 2.20 12.66 -4.24
CA VAL A 145 1.27 13.41 -5.08
C VAL A 145 1.98 14.16 -6.20
N VAL A 146 1.42 14.08 -7.40
CA VAL A 146 1.97 14.77 -8.57
C VAL A 146 0.80 15.41 -9.31
N GLN A 147 1.07 16.42 -10.14
CA GLN A 147 0.00 17.07 -10.88
C GLN A 147 0.42 17.44 -12.30
N VAL A 148 -0.56 17.40 -13.19
CA VAL A 148 -0.33 17.73 -14.60
C VAL A 148 -1.53 18.51 -15.11
N ASP A 149 -1.26 19.63 -15.78
CA ASP A 149 -2.33 20.45 -16.33
C ASP A 149 -3.04 19.72 -17.47
N GLU A 150 -4.36 19.88 -17.52
CA GLU A 150 -5.16 19.25 -18.55
C GLU A 150 -4.54 19.51 -19.92
N GLY A 151 -4.50 18.47 -20.75
CA GLY A 151 -3.93 18.61 -22.08
C GLY A 151 -2.43 18.35 -22.16
N ASN A 152 -1.76 18.33 -21.01
CA ASN A 152 -0.32 18.09 -20.98
C ASN A 152 0.02 16.64 -20.67
N ASP A 153 1.28 16.28 -20.83
CA ASP A 153 1.72 14.91 -20.55
C ASP A 153 2.52 14.91 -19.27
N ILE A 154 2.61 13.75 -18.63
CA ILE A 154 3.38 13.63 -17.41
C ILE A 154 4.02 12.26 -17.37
N THR A 155 5.19 12.19 -16.77
CA THR A 155 5.91 10.94 -16.62
C THR A 155 5.91 10.57 -15.15
N MET A 156 5.22 9.50 -14.82
CA MET A 156 5.16 9.08 -13.43
C MET A 156 6.23 8.04 -13.21
N THR A 157 7.11 8.31 -12.24
CA THR A 157 8.23 7.42 -11.93
C THR A 157 7.89 6.35 -10.90
N CYS A 158 8.76 5.34 -10.84
CA CYS A 158 8.61 4.21 -9.94
C CYS A 158 9.96 3.85 -9.30
N PRO A 159 10.53 4.77 -8.50
CA PRO A 159 11.82 4.53 -7.83
C PRO A 159 11.80 3.22 -7.06
N CYS A 160 12.90 2.47 -7.11
CA CYS A 160 12.96 1.18 -6.44
C CYS A 160 14.35 0.69 -6.08
N THR A 161 14.38 -0.43 -5.35
CA THR A 161 15.62 -1.09 -4.93
C THR A 161 15.44 -2.59 -5.11
N ASP A 162 16.53 -3.27 -5.49
CA ASP A 162 16.49 -4.71 -5.72
C ASP A 162 15.33 -5.02 -6.66
N CYS A 163 15.26 -4.26 -7.75
CA CYS A 163 14.21 -4.41 -8.75
C CYS A 163 14.68 -4.75 -10.15
N ALA A 164 15.86 -5.35 -10.27
CA ALA A 164 16.40 -5.70 -11.57
C ALA A 164 15.54 -6.72 -12.29
N ASN A 165 15.23 -6.43 -13.56
CA ASN A 165 14.42 -7.32 -14.40
C ASN A 165 13.06 -7.67 -13.81
N ALA A 166 12.45 -6.73 -13.11
CA ALA A 166 11.14 -6.97 -12.52
C ALA A 166 10.00 -6.71 -13.51
N ASN A 167 8.93 -7.48 -13.40
CA ASN A 167 7.77 -7.27 -14.24
C ASN A 167 7.18 -5.99 -13.66
N VAL A 168 6.63 -5.14 -14.51
CA VAL A 168 6.05 -3.87 -14.04
C VAL A 168 4.58 -3.76 -14.38
N THR A 169 3.76 -3.46 -13.38
CA THR A 169 2.33 -3.31 -13.58
C THR A 169 1.82 -2.08 -12.84
N TRP A 170 1.14 -1.20 -13.57
CA TRP A 170 0.57 -0.01 -12.96
C TRP A 170 -0.93 -0.25 -12.80
N TYR A 171 -1.50 0.24 -11.71
CA TYR A 171 -2.92 0.08 -11.44
C TYR A 171 -3.52 1.43 -11.09
N THR A 172 -4.85 1.48 -11.06
CA THR A 172 -5.56 2.68 -10.64
C THR A 172 -6.50 2.22 -9.53
N GLY A 173 -6.89 3.13 -8.65
CA GLY A 173 -7.76 2.76 -7.56
C GLY A 173 -7.04 2.57 -6.24
N PRO A 174 -7.42 1.58 -5.44
CA PRO A 174 -8.51 0.63 -5.71
C PRO A 174 -9.90 1.25 -5.62
N THR A 175 -10.91 0.53 -6.14
CA THR A 175 -12.29 0.99 -6.09
C THR A 175 -13.08 0.02 -5.21
N PHE A 176 -14.22 0.47 -4.69
CA PHE A 176 -14.95 -0.37 -3.76
C PHE A 176 -16.38 -0.80 -4.07
N PHE A 177 -16.67 -1.17 -5.31
CA PHE A 177 -18.01 -1.61 -5.65
C PHE A 177 -18.19 -3.11 -5.48
N GLU A 178 -17.09 -3.83 -5.31
CA GLU A 178 -17.15 -5.27 -5.13
C GLU A 178 -16.54 -5.71 -3.80
N ASN A 179 -15.57 -4.94 -3.32
CA ASN A 179 -14.89 -5.25 -2.08
C ASN A 179 -14.73 -3.98 -1.25
N TYR A 180 -15.19 -4.02 0.00
CA TYR A 180 -15.10 -2.85 0.86
C TYR A 180 -13.84 -2.81 1.71
N GLU A 181 -13.32 -3.97 2.09
CA GLU A 181 -12.13 -4.02 2.95
C GLU A 181 -10.86 -3.47 2.29
N THR A 182 -10.47 -4.04 1.15
CA THR A 182 -9.27 -3.59 0.45
C THR A 182 -9.60 -2.92 -0.87
N GLY A 183 -10.76 -3.27 -1.42
CA GLY A 183 -11.14 -2.71 -2.70
C GLY A 183 -10.53 -3.59 -3.77
N THR A 184 -10.68 -3.20 -5.03
CA THR A 184 -10.13 -3.97 -6.13
C THR A 184 -9.25 -3.05 -6.96
N TYR A 185 -8.05 -3.53 -7.31
CA TYR A 185 -7.12 -2.75 -8.11
C TYR A 185 -7.37 -3.02 -9.59
N GLN A 186 -7.47 -1.96 -10.38
CA GLN A 186 -7.71 -2.10 -11.82
C GLN A 186 -6.42 -1.90 -12.62
N PRO A 187 -6.00 -2.92 -13.39
CA PRO A 187 -4.78 -2.82 -14.18
C PRO A 187 -4.82 -1.61 -15.10
N LEU A 188 -3.70 -0.91 -15.19
CA LEU A 188 -3.59 0.29 -16.01
C LEU A 188 -2.62 0.06 -17.17
N ALA A 189 -1.43 -0.44 -16.83
CA ALA A 189 -0.39 -0.71 -17.83
C ALA A 189 0.49 -1.86 -17.35
N ASN A 190 1.16 -2.51 -18.28
CA ASN A 190 2.04 -3.63 -17.95
C ASN A 190 3.18 -3.75 -18.93
N LYS A 191 4.33 -4.14 -18.43
CA LYS A 191 5.51 -4.34 -19.25
C LYS A 191 6.29 -5.51 -18.66
N ASN A 192 6.33 -6.63 -19.38
CA ASN A 192 7.05 -7.81 -18.90
C ASN A 192 8.50 -7.80 -19.38
N GLN A 193 9.30 -8.71 -18.84
CA GLN A 193 10.71 -8.81 -19.18
C GLN A 193 11.00 -9.24 -20.61
N PHE A 194 9.97 -9.25 -21.43
CA PHE A 194 10.11 -9.65 -22.82
C PHE A 194 9.88 -8.44 -23.73
N GLY A 195 9.70 -7.28 -23.11
CA GLY A 195 9.50 -6.05 -23.85
C GLY A 195 8.11 -5.88 -24.43
N ILE A 196 7.18 -6.71 -23.99
CA ILE A 196 5.81 -6.63 -24.49
C ILE A 196 4.97 -5.80 -23.51
N THR A 197 4.24 -4.83 -24.05
CA THR A 197 3.43 -3.93 -23.22
C THR A 197 1.93 -3.97 -23.47
N TRP A 198 1.17 -3.63 -22.42
CA TRP A 198 -0.28 -3.61 -22.46
C TRP A 198 -0.78 -2.34 -21.77
N PHE A 199 -1.88 -1.77 -22.27
CA PHE A 199 -2.45 -0.57 -21.68
C PHE A 199 -3.97 -0.68 -21.62
N SER A 200 -4.57 -0.16 -20.56
CA SER A 200 -6.02 -0.21 -20.39
C SER A 200 -6.69 0.66 -21.45
N SER A 201 -7.95 0.38 -21.73
CA SER A 201 -8.70 1.14 -22.74
C SER A 201 -8.78 2.62 -22.38
N GLU A 202 -8.60 2.94 -21.12
CA GLU A 202 -8.67 4.33 -20.66
C GLU A 202 -7.49 5.18 -21.13
N ILE A 203 -6.34 4.56 -21.37
CA ILE A 203 -5.16 5.30 -21.79
C ILE A 203 -4.49 4.78 -23.07
N ALA A 204 -4.98 3.66 -23.60
CA ALA A 204 -4.39 3.09 -24.81
C ALA A 204 -4.43 4.12 -25.93
N GLY A 205 -3.26 4.43 -26.49
CA GLY A 205 -3.20 5.40 -27.57
C GLY A 205 -2.54 6.70 -27.17
N ARG A 206 -2.39 6.91 -25.86
CA ARG A 206 -1.76 8.14 -25.37
C ARG A 206 -0.88 7.85 -24.16
N ALA A 207 -0.29 6.66 -24.15
CA ALA A 207 0.59 6.29 -23.05
C ALA A 207 1.66 5.31 -23.48
N SER A 208 2.79 5.32 -22.77
CA SER A 208 3.90 4.44 -23.07
C SER A 208 4.83 4.37 -21.88
N PHE A 209 5.75 3.41 -21.91
CA PHE A 209 6.71 3.28 -20.83
C PHE A 209 7.99 4.01 -21.22
N SER A 210 8.57 4.73 -20.27
CA SER A 210 9.82 5.44 -20.51
C SER A 210 10.87 4.71 -19.69
N GLY A 211 11.66 3.89 -20.35
CA GLY A 211 12.67 3.14 -19.63
C GLY A 211 12.06 1.82 -19.19
N ALA A 212 12.55 1.28 -18.08
CA ALA A 212 12.04 0.00 -17.59
C ALA A 212 10.76 0.07 -16.78
N ARG A 213 10.51 1.20 -16.12
CA ARG A 213 9.32 1.30 -15.27
C ARG A 213 8.38 2.47 -15.47
N ASN A 214 8.92 3.67 -15.64
CA ASN A 214 8.11 4.87 -15.77
C ASN A 214 6.99 4.80 -16.80
N LEU A 215 5.83 5.30 -16.39
CA LEU A 215 4.64 5.32 -17.23
C LEU A 215 4.40 6.74 -17.68
N VAL A 216 4.35 6.94 -18.99
CA VAL A 216 4.12 8.27 -19.54
C VAL A 216 2.69 8.37 -20.05
N ILE A 217 1.96 9.34 -19.53
CA ILE A 217 0.57 9.55 -19.94
C ILE A 217 0.51 10.87 -20.70
N ARG A 218 -0.04 10.81 -21.91
CA ARG A 218 -0.14 12.00 -22.75
C ARG A 218 -1.55 12.58 -22.78
N ALA A 219 -1.63 13.90 -23.00
CA ALA A 219 -2.91 14.61 -23.07
C ALA A 219 -3.82 14.29 -21.88
N ALA A 220 -3.36 14.63 -20.69
CA ALA A 220 -4.11 14.38 -19.46
C ALA A 220 -5.56 14.81 -19.55
N LYS A 221 -6.44 13.98 -19.01
CA LYS A 221 -7.86 14.27 -18.97
C LYS A 221 -8.24 14.47 -17.51
N ILE A 222 -9.31 15.21 -17.26
CA ILE A 222 -9.72 15.45 -15.89
C ILE A 222 -10.13 14.12 -15.27
N THR A 223 -10.57 13.18 -16.10
CA THR A 223 -10.98 11.86 -15.63
C THR A 223 -9.78 10.98 -15.32
N ASP A 224 -8.57 11.52 -15.55
CA ASP A 224 -7.33 10.81 -15.28
C ASP A 224 -6.98 10.94 -13.79
N ALA A 225 -7.50 12.00 -13.16
CA ALA A 225 -7.23 12.24 -11.75
C ALA A 225 -7.63 11.04 -10.91
N GLY A 226 -6.85 10.76 -9.89
CA GLY A 226 -7.10 9.64 -9.02
C GLY A 226 -5.80 9.10 -8.45
N ARG A 227 -5.84 7.88 -7.94
CA ARG A 227 -4.65 7.27 -7.38
C ARG A 227 -4.14 6.19 -8.32
N VAL A 228 -2.84 6.18 -8.55
CA VAL A 228 -2.24 5.18 -9.42
C VAL A 228 -1.20 4.44 -8.60
N TRP A 229 -0.94 3.19 -8.98
CA TRP A 229 0.04 2.40 -8.26
C TRP A 229 1.06 1.79 -9.18
N CYS A 230 2.30 1.70 -8.72
CA CYS A 230 3.34 1.06 -9.50
C CYS A 230 3.73 -0.18 -8.72
N GLU A 231 3.56 -1.34 -9.35
CA GLU A 231 3.93 -2.60 -8.72
C GLU A 231 5.03 -3.27 -9.51
N LEU A 232 6.05 -3.74 -8.79
CA LEU A 232 7.17 -4.44 -9.41
C LEU A 232 7.16 -5.85 -8.81
N ALA A 233 7.24 -6.86 -9.67
CA ALA A 233 7.23 -8.24 -9.20
C ALA A 233 8.32 -9.07 -9.87
N THR A 234 9.11 -9.76 -9.05
CA THR A 234 10.20 -10.60 -9.54
C THR A 234 9.89 -12.08 -9.37
N GLY A 235 8.69 -12.38 -8.90
CA GLY A 235 8.27 -13.75 -8.69
C GLY A 235 6.88 -13.87 -8.11
N GLN A 236 6.46 -15.09 -7.80
CA GLN A 236 5.13 -15.30 -7.25
C GLN A 236 5.05 -15.21 -5.74
N GLY A 237 6.19 -15.18 -5.06
CA GLY A 237 6.19 -15.11 -3.61
C GLY A 237 5.86 -13.72 -3.09
N GLU A 238 5.35 -13.63 -1.86
CA GLU A 238 4.98 -12.34 -1.31
C GLU A 238 6.16 -11.37 -1.17
N LEU A 239 7.36 -11.91 -0.91
CA LEU A 239 8.53 -11.04 -0.78
C LEU A 239 8.99 -10.55 -2.15
N ASP A 240 8.52 -11.22 -3.19
CA ASP A 240 8.91 -10.92 -4.57
C ASP A 240 8.13 -9.80 -5.24
N ALA A 241 7.25 -9.13 -4.50
CA ALA A 241 6.47 -8.05 -5.08
C ALA A 241 6.27 -6.92 -4.11
N ASP A 242 6.12 -5.71 -4.66
CA ASP A 242 5.86 -4.54 -3.86
C ASP A 242 5.21 -3.49 -4.73
N ARG A 243 4.47 -2.58 -4.08
CA ARG A 243 3.80 -1.52 -4.81
C ARG A 243 3.63 -0.30 -3.92
N SER A 244 3.53 0.87 -4.55
CA SER A 244 3.37 2.12 -3.83
C SER A 244 2.44 2.99 -4.68
N SER A 245 1.72 3.90 -4.04
CA SER A 245 0.77 4.73 -4.78
C SER A 245 1.16 6.20 -4.90
N THR A 246 0.52 6.85 -5.86
CA THR A 246 0.73 8.27 -6.12
C THR A 246 -0.62 8.85 -6.53
N ILE A 247 -0.95 10.02 -5.97
CA ILE A 247 -2.19 10.69 -6.32
C ILE A 247 -1.91 11.57 -7.53
N LEU A 248 -2.66 11.34 -8.61
CA LEU A 248 -2.49 12.14 -9.83
C LEU A 248 -3.54 13.24 -9.83
N LYS A 249 -3.08 14.50 -9.77
CA LYS A 249 -3.97 15.65 -9.76
C LYS A 249 -4.24 16.13 -11.18
N VAL A 250 -5.51 16.28 -11.51
CA VAL A 250 -5.98 16.72 -12.83
C VAL A 250 -5.10 16.21 -13.97
#